data_4WWZ
#
_entry.id   4WWZ
#
_cell.length_a   67.480
_cell.length_b   74.160
_cell.length_c   142.500
_cell.angle_alpha   90.00
_cell.angle_beta   90.00
_cell.angle_gamma   90.00
#
_symmetry.space_group_name_H-M   'P 2 2 21'
#
loop_
_entity.id
_entity.type
_entity.pdbx_description
1 polymer 'TENA/THI-4 family protein'
2 non-polymer 'FE (III) ION'
3 non-polymer '(2E)-dodec-2-enoic acid'
4 non-polymer PYROSULFATE
5 non-polymer 'SULFATE ION'
6 non-polymer 'OXYGEN MOLECULE'
7 water water
#
_entity_poly.entity_id   1
_entity_poly.type   'polypeptide(L)'
_entity_poly.pdbx_seq_one_letter_code
;GPMIDTFSRTGPLMEAASYPAWTQQLIQDCSESKRRVVEHELYQRMRDNKLSAKVMRQYLIGGWPVVEQFALYMAQNLTK
TRFARHPGEDMARRWLMRNIRVELNHADYWVHWSRAHGVTLEDLQAQQVPPELHALSHWCWHTSSADSLIVAIAATNYAI
EGATGEWSALVCSNGIYAAAFPEEDRKRAMKWLKMHAQYDDAHPWEALEIIVTLAGLNPTKALQAELRQAICKSYDYMYL
FLERCMQQEKTAVTRERLALAEG
;
_entity_poly.pdbx_strand_id   A,B
#
# COMPACT_ATOMS: atom_id res chain seq x y z
N ILE A 4 17.95 -33.39 -8.18
CA ILE A 4 18.71 -32.20 -7.67
C ILE A 4 17.98 -30.86 -7.95
N ASP A 5 17.39 -30.72 -9.14
CA ASP A 5 16.62 -29.51 -9.55
C ASP A 5 17.44 -28.21 -9.59
N THR A 6 18.78 -28.34 -9.56
CA THR A 6 19.68 -27.20 -9.31
C THR A 6 19.96 -26.36 -10.56
N PHE A 7 19.82 -25.04 -10.46
CA PHE A 7 20.05 -24.15 -11.60
C PHE A 7 21.44 -23.56 -11.58
N SER A 8 22.09 -23.60 -12.74
CA SER A 8 23.38 -22.96 -12.93
C SER A 8 23.37 -22.36 -14.33
N ARG A 9 23.65 -21.06 -14.41
CA ARG A 9 23.58 -20.34 -15.66
C ARG A 9 24.78 -20.68 -16.56
N THR A 10 24.49 -20.99 -17.82
CA THR A 10 25.52 -21.21 -18.85
C THR A 10 25.66 -19.99 -19.77
N GLY A 11 24.52 -19.42 -20.18
CA GLY A 11 24.51 -18.31 -21.12
C GLY A 11 24.83 -16.98 -20.47
N PRO A 12 24.90 -15.91 -21.29
CA PRO A 12 25.13 -14.56 -20.76
C PRO A 12 24.10 -14.13 -19.71
N LEU A 13 24.57 -13.33 -18.75
CA LEU A 13 23.76 -12.90 -17.62
C LEU A 13 22.48 -12.16 -18.05
N MET A 14 22.61 -11.29 -19.02
CA MET A 14 21.56 -10.34 -19.36
C MET A 14 20.65 -10.78 -20.50
N GLU A 15 20.52 -12.09 -20.68
CA GLU A 15 19.63 -12.64 -21.72
C GLU A 15 18.63 -13.61 -21.14
N ALA A 16 17.36 -13.42 -21.50
CA ALA A 16 16.28 -14.29 -21.01
C ALA A 16 16.51 -15.76 -21.34
N ALA A 17 17.16 -16.04 -22.47
CA ALA A 17 17.33 -17.44 -22.92
C ALA A 17 18.30 -18.22 -22.05
N SER A 18 19.08 -17.51 -21.23
CA SER A 18 19.98 -18.15 -20.26
C SER A 18 19.26 -18.77 -19.07
N TYR A 19 17.95 -18.53 -18.94
CA TYR A 19 17.19 -18.98 -17.78
C TYR A 19 16.16 -20.01 -18.19
N PRO A 20 15.60 -20.75 -17.21
CA PRO A 20 14.63 -21.77 -17.56
C PRO A 20 13.38 -21.24 -18.26
N ALA A 21 12.66 -22.16 -18.89
CA ALA A 21 11.43 -21.81 -19.59
C ALA A 21 10.42 -21.11 -18.69
N TRP A 22 10.27 -21.58 -17.45
CA TRP A 22 9.34 -20.96 -16.51
C TRP A 22 9.70 -19.48 -16.22
N THR A 23 10.99 -19.18 -16.22
CA THR A 23 11.48 -17.84 -15.97
C THR A 23 11.16 -16.99 -17.19
N GLN A 24 11.37 -17.54 -18.38
CA GLN A 24 11.03 -16.85 -19.61
C GLN A 24 9.54 -16.60 -19.71
N GLN A 25 8.74 -17.58 -19.26
CA GLN A 25 7.31 -17.43 -19.16
C GLN A 25 6.91 -16.32 -18.19
N LEU A 26 7.57 -16.29 -17.03
CA LEU A 26 7.33 -15.26 -16.03
C LEU A 26 7.58 -13.88 -16.61
N ILE A 27 8.69 -13.71 -17.32
CA ILE A 27 8.99 -12.44 -17.99
C ILE A 27 7.89 -12.06 -18.98
N GLN A 28 7.43 -13.03 -19.78
CA GLN A 28 6.38 -12.79 -20.74
C GLN A 28 5.07 -12.40 -20.04
N ASP A 29 4.72 -13.09 -18.97
CA ASP A 29 3.48 -12.83 -18.23
C ASP A 29 3.48 -11.43 -17.60
N CYS A 30 4.66 -10.90 -17.26
CA CYS A 30 4.74 -9.61 -16.60
C CYS A 30 5.00 -8.46 -17.60
N SER A 31 5.11 -8.78 -18.89
CA SER A 31 5.70 -7.83 -19.87
C SER A 31 4.84 -6.62 -20.13
N GLU A 32 3.53 -6.82 -20.19
CA GLU A 32 2.63 -5.69 -20.44
C GLU A 32 2.53 -4.79 -19.19
N SER A 33 2.50 -5.41 -18.00
CA SER A 33 2.57 -4.64 -16.72
C SER A 33 3.82 -3.77 -16.66
N LYS A 34 4.94 -4.34 -17.08
CA LYS A 34 6.19 -3.60 -17.14
C LYS A 34 6.15 -2.49 -18.20
N ARG A 35 5.66 -2.82 -19.39
CA ARG A 35 5.73 -1.92 -20.53
C ARG A 35 5.02 -0.60 -20.24
N ARG A 36 3.84 -0.69 -19.60
CA ARG A 36 3.03 0.47 -19.44
C ARG A 36 3.62 1.43 -18.43
N VAL A 37 4.59 0.94 -17.66
CA VAL A 37 5.37 1.76 -16.73
C VAL A 37 6.59 2.35 -17.44
N VAL A 38 7.42 1.51 -18.05
CA VAL A 38 8.68 1.98 -18.64
C VAL A 38 8.52 2.83 -19.90
N GLU A 39 7.38 2.74 -20.56
CA GLU A 39 7.05 3.60 -21.70
C GLU A 39 5.98 4.64 -21.36
N HIS A 40 5.74 4.91 -20.08
CA HIS A 40 4.66 5.77 -19.68
C HIS A 40 4.81 7.16 -20.27
N GLU A 41 3.67 7.77 -20.57
CA GLU A 41 3.64 9.13 -21.13
C GLU A 41 4.35 10.14 -20.21
N LEU A 42 4.17 9.99 -18.90
CA LEU A 42 4.86 10.86 -17.92
C LEU A 42 6.36 10.92 -18.17
N TYR A 43 6.97 9.78 -18.49
CA TYR A 43 8.40 9.78 -18.73
C TYR A 43 8.78 10.39 -20.07
N GLN A 44 7.94 10.21 -21.09
CA GLN A 44 8.17 10.84 -22.38
C GLN A 44 8.11 12.37 -22.20
N ARG A 45 7.15 12.84 -21.42
CA ARG A 45 7.08 14.26 -21.11
C ARG A 45 8.25 14.73 -20.27
N MET A 46 8.67 13.94 -19.28
CA MET A 46 9.78 14.34 -18.42
C MET A 46 11.05 14.47 -19.26
N ARG A 47 11.25 13.52 -20.18
CA ARG A 47 12.38 13.50 -21.11
C ARG A 47 12.50 14.80 -21.89
N ASP A 48 11.33 15.32 -22.26
CA ASP A 48 11.23 16.53 -23.10
C ASP A 48 11.09 17.81 -22.28
N ASN A 49 11.27 17.71 -20.96
CA ASN A 49 11.14 18.85 -20.03
C ASN A 49 9.77 19.50 -19.95
N LYS A 50 8.72 18.74 -20.27
CA LYS A 50 7.37 19.27 -20.40
C LYS A 50 6.56 19.26 -19.11
N LEU A 51 6.99 18.53 -18.10
CA LEU A 51 6.11 18.36 -16.92
C LEU A 51 5.97 19.64 -16.11
N SER A 52 4.76 19.86 -15.66
CA SER A 52 4.42 20.99 -14.82
C SER A 52 5.20 20.97 -13.53
N ALA A 53 5.43 22.16 -12.97
CA ALA A 53 6.08 22.26 -11.66
C ALA A 53 5.34 21.45 -10.61
N LYS A 54 4.01 21.49 -10.66
CA LYS A 54 3.20 20.77 -9.68
C LYS A 54 3.49 19.26 -9.73
N VAL A 55 3.47 18.69 -10.92
CA VAL A 55 3.62 17.24 -11.09
C VAL A 55 5.04 16.75 -10.84
N MET A 56 6.02 17.54 -11.27
CA MET A 56 7.40 17.27 -11.03
C MET A 56 7.67 17.21 -9.51
N ARG A 57 7.10 18.17 -8.78
CA ARG A 57 7.17 18.21 -7.35
C ARG A 57 6.50 16.99 -6.71
N GLN A 58 5.31 16.63 -7.17
CA GLN A 58 4.62 15.44 -6.64
C GLN A 58 5.41 14.15 -6.91
N TYR A 59 5.98 14.04 -8.09
CA TYR A 59 6.79 12.88 -8.47
C TYR A 59 7.96 12.68 -7.49
N LEU A 60 8.68 13.76 -7.24
CA LEU A 60 9.88 13.73 -6.42
C LEU A 60 9.57 13.44 -4.95
N ILE A 61 8.49 14.05 -4.46
CA ILE A 61 8.05 13.80 -3.10
C ILE A 61 7.50 12.38 -2.97
N GLY A 62 6.69 11.98 -3.93
CA GLY A 62 6.05 10.68 -3.87
C GLY A 62 7.04 9.54 -3.97
N GLY A 63 8.09 9.72 -4.79
CA GLY A 63 9.09 8.67 -5.01
C GLY A 63 10.05 8.52 -3.83
N TRP A 64 10.19 9.59 -3.07
CA TRP A 64 11.21 9.68 -2.02
C TRP A 64 11.23 8.48 -1.04
N PRO A 65 10.09 8.09 -0.46
CA PRO A 65 10.16 7.00 0.53
C PRO A 65 10.73 5.71 -0.01
N VAL A 66 10.39 5.35 -1.25
CA VAL A 66 10.90 4.14 -1.83
C VAL A 66 12.42 4.24 -2.07
N VAL A 67 12.88 5.41 -2.48
CA VAL A 67 14.30 5.66 -2.70
C VAL A 67 15.05 5.61 -1.38
N GLU A 68 14.52 6.32 -0.39
CA GLU A 68 15.15 6.43 0.95
C GLU A 68 15.26 5.06 1.63
N GLN A 69 14.21 4.27 1.48
CA GLN A 69 14.12 2.97 2.14
C GLN A 69 14.58 1.79 1.29
N PHE A 70 15.12 2.06 0.09
CA PHE A 70 15.47 0.96 -0.80
C PHE A 70 16.51 -0.01 -0.17
N ALA A 71 17.54 0.54 0.45
CA ALA A 71 18.57 -0.32 1.13
C ALA A 71 18.03 -1.02 2.35
N LEU A 72 16.95 -0.48 2.92
CA LEU A 72 16.26 -1.05 4.04
C LEU A 72 15.42 -2.27 3.65
N TYR A 73 14.82 -2.25 2.47
CA TYR A 73 14.17 -3.45 1.96
C TYR A 73 15.21 -4.57 1.80
N MET A 74 16.35 -4.23 1.23
CA MET A 74 17.45 -5.17 1.06
C MET A 74 17.93 -5.72 2.40
N ALA A 75 18.11 -4.84 3.37
CA ALA A 75 18.46 -5.24 4.73
C ALA A 75 17.45 -6.24 5.34
N GLN A 76 16.15 -5.96 5.19
CA GLN A 76 15.12 -6.83 5.72
C GLN A 76 15.22 -8.20 5.06
N ASN A 77 15.50 -8.22 3.76
CA ASN A 77 15.69 -9.47 3.06
C ASN A 77 16.96 -10.21 3.50
N LEU A 78 18.05 -9.51 3.74
CA LEU A 78 19.26 -10.13 4.29
C LEU A 78 18.97 -10.87 5.61
N THR A 79 18.12 -10.27 6.44
CA THR A 79 17.74 -10.78 7.74
C THR A 79 17.04 -12.14 7.64
N LYS A 80 16.50 -12.48 6.47
CA LYS A 80 15.81 -13.76 6.28
C LYS A 80 16.74 -14.88 5.85
N THR A 81 17.97 -14.57 5.47
CA THR A 81 18.90 -15.55 4.92
C THR A 81 19.71 -16.23 6.02
N ARG A 82 20.13 -17.45 5.73
CA ARG A 82 21.06 -18.18 6.62
C ARG A 82 22.13 -18.83 5.78
N PHE A 83 23.30 -18.93 6.36
CA PHE A 83 24.50 -19.44 5.69
C PHE A 83 24.34 -20.92 5.34
N ALA A 84 24.64 -21.25 4.09
CA ALA A 84 24.68 -22.65 3.61
C ALA A 84 23.39 -23.46 3.81
N ARG A 85 22.24 -22.80 3.82
CA ARG A 85 20.97 -23.50 3.92
C ARG A 85 20.50 -23.88 2.51
N HIS A 86 20.85 -23.05 1.52
CA HIS A 86 20.52 -23.32 0.13
C HIS A 86 21.42 -22.45 -0.79
N PRO A 87 21.84 -22.97 -1.97
CA PRO A 87 22.84 -22.23 -2.81
C PRO A 87 22.35 -20.86 -3.25
N GLY A 88 21.08 -20.79 -3.62
CA GLY A 88 20.45 -19.50 -3.93
C GLY A 88 20.45 -18.52 -2.75
N GLU A 89 20.34 -19.06 -1.53
CA GLU A 89 20.31 -18.24 -0.32
C GLU A 89 21.69 -17.67 0.01
N ASP A 90 22.75 -18.43 -0.25
CA ASP A 90 24.13 -17.89 -0.17
C ASP A 90 24.37 -16.82 -1.21
N MET A 91 23.86 -17.05 -2.42
CA MET A 91 23.99 -16.09 -3.51
C MET A 91 23.27 -14.79 -3.12
N ALA A 92 22.09 -14.92 -2.54
CA ALA A 92 21.30 -13.75 -2.13
C ALA A 92 22.01 -12.97 -1.03
N ARG A 93 22.44 -13.69 0.00
CA ARG A 93 23.18 -13.07 1.12
C ARG A 93 24.35 -12.23 0.63
N ARG A 94 25.21 -12.81 -0.20
CA ARG A 94 26.42 -12.11 -0.66
C ARG A 94 26.03 -10.91 -1.53
N TRP A 95 25.04 -11.09 -2.40
CA TRP A 95 24.60 -10.04 -3.28
C TRP A 95 23.99 -8.84 -2.51
N LEU A 96 23.16 -9.14 -1.52
CA LEU A 96 22.54 -8.12 -0.70
C LEU A 96 23.60 -7.37 0.12
N MET A 97 24.58 -8.09 0.65
CA MET A 97 25.67 -7.44 1.41
C MET A 97 26.47 -6.52 0.51
N ARG A 98 26.71 -6.91 -0.75
CA ARG A 98 27.46 -6.05 -1.70
C ARG A 98 26.64 -4.86 -2.17
N ASN A 99 25.36 -5.08 -2.47
CA ASN A 99 24.53 -4.03 -3.05
C ASN A 99 23.89 -3.02 -2.08
N ILE A 100 23.77 -3.34 -0.81
CA ILE A 100 23.40 -2.34 0.19
C ILE A 100 24.40 -1.15 0.13
N ARG A 101 25.69 -1.44 0.05
CA ARG A 101 26.74 -0.42 -0.08
C ARG A 101 26.54 0.47 -1.33
N VAL A 102 26.11 -0.13 -2.43
CA VAL A 102 25.95 0.61 -3.69
C VAL A 102 25.03 1.80 -3.54
N GLU A 103 23.99 1.65 -2.72
CA GLU A 103 23.01 2.69 -2.48
C GLU A 103 23.47 3.81 -1.53
N LEU A 104 24.69 3.72 -1.02
CA LEU A 104 25.17 4.63 0.04
C LEU A 104 24.72 6.08 -0.19
N ASN A 105 25.00 6.59 -1.39
CA ASN A 105 24.74 8.03 -1.69
C ASN A 105 23.46 8.34 -2.46
N HIS A 106 22.66 7.32 -2.73
CA HIS A 106 21.54 7.48 -3.66
C HIS A 106 20.39 8.32 -3.11
N ALA A 107 20.09 8.19 -1.83
CA ALA A 107 19.10 9.07 -1.22
C ALA A 107 19.56 10.55 -1.27
N ASP A 108 20.85 10.78 -1.05
CA ASP A 108 21.43 12.14 -1.12
C ASP A 108 21.25 12.71 -2.53
N TYR A 109 21.51 11.88 -3.54
CA TYR A 109 21.34 12.32 -4.92
C TYR A 109 19.89 12.67 -5.24
N TRP A 110 18.94 11.93 -4.70
CA TRP A 110 17.53 12.24 -4.91
C TRP A 110 17.17 13.59 -4.28
N VAL A 111 17.72 13.84 -3.10
CA VAL A 111 17.54 15.13 -2.42
C VAL A 111 18.03 16.27 -3.31
N HIS A 112 19.19 16.07 -3.95
CA HIS A 112 19.76 17.07 -4.83
C HIS A 112 18.95 17.28 -6.10
N TRP A 113 18.49 16.19 -6.71
CA TRP A 113 17.58 16.23 -7.86
C TRP A 113 16.36 17.05 -7.48
N SER A 114 15.78 16.71 -6.33
CA SER A 114 14.60 17.41 -5.82
C SER A 114 14.83 18.92 -5.62
N ARG A 115 15.97 19.29 -5.04
CA ARG A 115 16.26 20.70 -4.77
C ARG A 115 16.37 21.50 -6.07
N ALA A 116 16.85 20.86 -7.13
CA ALA A 116 16.92 21.51 -8.44
C ALA A 116 15.54 21.88 -9.01
N HIS A 117 14.48 21.29 -8.46
CA HIS A 117 13.10 21.65 -8.82
C HIS A 117 12.36 22.41 -7.73
N GLY A 118 13.11 22.96 -6.77
CA GLY A 118 12.54 23.71 -5.68
C GLY A 118 11.92 22.90 -4.58
N VAL A 119 12.13 21.58 -4.58
CA VAL A 119 11.60 20.72 -3.54
C VAL A 119 12.66 20.58 -2.48
N THR A 120 12.33 21.05 -1.29
CA THR A 120 13.26 21.06 -0.17
C THR A 120 13.21 19.72 0.58
N LEU A 121 14.21 19.51 1.42
CA LEU A 121 14.24 18.34 2.28
C LEU A 121 12.99 18.33 3.15
N GLU A 122 12.61 19.47 3.66
CA GLU A 122 11.38 19.57 4.39
C GLU A 122 10.15 19.11 3.58
N ASP A 123 10.10 19.49 2.33
CA ASP A 123 9.03 19.10 1.44
C ASP A 123 8.98 17.57 1.30
N LEU A 124 10.14 17.00 1.07
CA LEU A 124 10.30 15.54 1.01
C LEU A 124 9.78 14.87 2.26
N GLN A 125 10.17 15.39 3.40
CA GLN A 125 9.76 14.79 4.66
C GLN A 125 8.29 14.94 4.97
N ALA A 126 7.68 16.01 4.51
CA ALA A 126 6.25 16.24 4.69
C ALA A 126 5.30 15.27 3.99
N GLN A 127 5.72 14.79 2.85
CA GLN A 127 4.98 13.76 2.16
C GLN A 127 3.55 14.15 1.84
N GLN A 128 3.36 15.37 1.39
CA GLN A 128 2.07 15.86 1.01
C GLN A 128 1.72 15.50 -0.41
N VAL A 129 1.31 14.28 -0.60
CA VAL A 129 0.96 13.78 -1.92
C VAL A 129 -0.26 12.90 -1.83
N PRO A 130 -0.91 12.71 -3.06
CA PRO A 130 -2.04 11.80 -2.99
C PRO A 130 -1.69 10.36 -2.56
N PRO A 131 -2.80 9.66 -2.06
CA PRO A 131 -2.51 8.27 -1.70
C PRO A 131 -2.10 7.34 -2.82
N GLU A 132 -2.52 7.58 -4.04
CA GLU A 132 -2.07 6.81 -5.15
C GLU A 132 -0.54 6.82 -5.25
N LEU A 133 0.11 7.85 -4.75
CA LEU A 133 1.54 7.97 -4.83
C LEU A 133 2.27 7.22 -3.71
N HIS A 134 1.60 7.01 -2.57
CA HIS A 134 2.21 6.34 -1.40
C HIS A 134 2.08 4.83 -1.46
N ALA A 135 1.19 4.31 -2.30
CA ALA A 135 0.88 2.89 -2.31
C ALA A 135 2.11 2.03 -2.56
N LEU A 136 2.94 2.45 -3.50
CA LEU A 136 4.17 1.73 -3.82
C LEU A 136 5.04 1.49 -2.57
N SER A 137 5.23 2.54 -1.76
CA SER A 137 6.06 2.46 -0.54
C SER A 137 5.49 1.47 0.49
N HIS A 138 4.16 1.46 0.63
CA HIS A 138 3.51 0.55 1.58
C HIS A 138 3.63 -0.93 1.11
N TRP A 139 3.45 -1.15 -0.18
CA TRP A 139 3.67 -2.47 -0.76
C TRP A 139 5.09 -2.94 -0.52
N CYS A 140 6.07 -2.08 -0.80
CA CYS A 140 7.48 -2.45 -0.65
C CYS A 140 7.82 -2.86 0.76
N TRP A 141 7.30 -2.13 1.74
CA TRP A 141 7.56 -2.48 3.12
C TRP A 141 6.81 -3.77 3.52
N HIS A 142 5.57 -3.90 3.07
CA HIS A 142 4.79 -5.10 3.39
C HIS A 142 5.51 -6.37 2.89
N THR A 143 5.89 -6.40 1.62
CA THR A 143 6.57 -7.59 1.06
C THR A 143 7.94 -7.80 1.72
N SER A 144 8.69 -6.72 1.94
CA SER A 144 10.00 -6.84 2.58
C SER A 144 9.88 -7.37 4.00
N SER A 145 8.80 -6.99 4.68
CA SER A 145 8.52 -7.37 6.07
C SER A 145 7.96 -8.79 6.21
N ALA A 146 6.99 -9.15 5.38
CA ALA A 146 6.18 -10.33 5.60
C ALA A 146 6.41 -11.47 4.61
N ASP A 147 6.93 -11.19 3.43
CA ASP A 147 7.04 -12.22 2.40
C ASP A 147 8.37 -12.95 2.51
N SER A 148 8.47 -14.05 1.80
CA SER A 148 9.70 -14.78 1.66
C SER A 148 10.73 -13.90 0.96
N LEU A 149 11.99 -14.25 1.16
CA LEU A 149 13.08 -13.59 0.45
C LEU A 149 12.90 -13.54 -1.06
N ILE A 150 12.61 -14.72 -1.63
CA ILE A 150 12.53 -14.82 -3.08
C ILE A 150 11.45 -13.87 -3.65
N VAL A 151 10.30 -13.80 -2.99
CA VAL A 151 9.20 -12.94 -3.43
C VAL A 151 9.52 -11.46 -3.26
N ALA A 152 10.06 -11.09 -2.10
CA ALA A 152 10.36 -9.71 -1.82
C ALA A 152 11.48 -9.17 -2.71
N ILE A 153 12.48 -10.02 -3.01
CA ILE A 153 13.57 -9.65 -3.92
C ILE A 153 13.00 -9.45 -5.33
N ALA A 154 12.10 -10.33 -5.73
CA ALA A 154 11.44 -10.21 -7.04
C ALA A 154 10.67 -8.88 -7.11
N ALA A 155 9.98 -8.52 -6.03
CA ALA A 155 9.20 -7.29 -6.00
C ALA A 155 10.03 -6.01 -6.05
N THR A 156 11.20 -6.02 -5.42
CA THR A 156 12.00 -4.82 -5.27
C THR A 156 13.29 -4.67 -6.07
N ASN A 157 14.16 -5.67 -6.03
CA ASN A 157 15.39 -5.64 -6.80
C ASN A 157 15.21 -6.03 -8.26
N TYR A 158 14.28 -6.92 -8.55
CA TYR A 158 14.04 -7.27 -9.94
C TYR A 158 13.07 -6.25 -10.58
N ALA A 159 11.85 -6.19 -10.07
CA ALA A 159 10.77 -5.39 -10.69
C ALA A 159 11.04 -3.89 -10.62
N ILE A 160 11.18 -3.35 -9.42
CA ILE A 160 11.33 -1.90 -9.27
C ILE A 160 12.67 -1.38 -9.80
N GLU A 161 13.78 -2.01 -9.46
CA GLU A 161 15.08 -1.54 -9.94
C GLU A 161 15.20 -1.72 -11.44
N GLY A 162 14.69 -2.84 -11.95
CA GLY A 162 14.69 -3.05 -13.41
C GLY A 162 13.92 -1.98 -14.16
N ALA A 163 12.67 -1.77 -13.76
CA ALA A 163 11.85 -0.72 -14.38
C ALA A 163 12.49 0.67 -14.25
N THR A 164 13.16 0.90 -13.12
CA THR A 164 13.79 2.19 -12.83
C THR A 164 15.01 2.47 -13.70
N GLY A 165 15.81 1.44 -13.97
CA GLY A 165 16.85 1.56 -15.00
C GLY A 165 16.29 2.03 -16.33
N GLU A 166 15.13 1.50 -16.71
CA GLU A 166 14.56 1.78 -18.02
C GLU A 166 13.88 3.17 -18.05
N TRP A 167 13.07 3.50 -17.05
CA TRP A 167 12.46 4.85 -17.07
C TRP A 167 13.50 5.95 -16.94
N SER A 168 14.58 5.71 -16.18
CA SER A 168 15.59 6.75 -16.00
C SER A 168 16.38 6.93 -17.30
N ALA A 169 16.67 5.82 -18.00
CA ALA A 169 17.26 5.88 -19.33
C ALA A 169 16.36 6.62 -20.32
N LEU A 170 15.06 6.38 -20.27
CA LEU A 170 14.13 7.09 -21.15
C LEU A 170 14.17 8.62 -20.89
N VAL A 171 14.16 9.00 -19.62
CA VAL A 171 14.18 10.42 -19.24
C VAL A 171 15.44 11.12 -19.75
N CYS A 172 16.56 10.40 -19.79
CA CYS A 172 17.85 10.93 -20.22
C CYS A 172 18.16 10.77 -21.71
N SER A 173 17.24 10.14 -22.46
CA SER A 173 17.54 9.59 -23.77
C SER A 173 17.79 10.60 -24.89
N ASN A 174 17.27 11.81 -24.79
CA ASN A 174 17.50 12.79 -25.87
C ASN A 174 18.21 14.10 -25.49
N GLY A 175 18.60 14.24 -24.24
CA GLY A 175 19.38 15.39 -23.79
C GLY A 175 18.59 16.65 -23.44
N ILE A 176 17.30 16.68 -23.76
CA ILE A 176 16.48 17.89 -23.53
C ILE A 176 16.33 18.22 -22.04
N TYR A 177 15.89 17.25 -21.23
CA TYR A 177 15.71 17.46 -19.81
C TYR A 177 16.98 17.99 -19.16
N ALA A 178 18.13 17.35 -19.44
CA ALA A 178 19.39 17.76 -18.86
C ALA A 178 19.83 19.16 -19.30
N ALA A 179 19.76 19.42 -20.60
CA ALA A 179 20.17 20.70 -21.18
C ALA A 179 19.31 21.86 -20.66
N ALA A 180 18.07 21.58 -20.22
CA ALA A 180 17.21 22.63 -19.66
C ALA A 180 17.71 23.16 -18.30
N PHE A 181 18.52 22.38 -17.58
CA PHE A 181 19.12 22.87 -16.33
C PHE A 181 20.23 23.85 -16.67
N PRO A 182 20.33 24.97 -15.93
CA PRO A 182 21.50 25.83 -16.03
C PRO A 182 22.77 25.03 -15.83
N GLU A 183 23.80 25.33 -16.62
CA GLU A 183 25.08 24.62 -16.59
C GLU A 183 25.64 24.39 -15.19
N GLU A 184 25.61 25.42 -14.35
CA GLU A 184 26.20 25.33 -13.01
C GLU A 184 25.39 24.43 -12.06
N ASP A 185 24.14 24.14 -12.41
CA ASP A 185 23.26 23.30 -11.59
C ASP A 185 23.12 21.87 -12.11
N ARG A 186 23.63 21.61 -13.31
CA ARG A 186 23.24 20.41 -14.06
C ARG A 186 23.83 19.11 -13.48
N LYS A 187 25.12 19.09 -13.16
CA LYS A 187 25.77 17.84 -12.70
C LYS A 187 25.12 17.31 -11.45
N ARG A 188 24.94 18.19 -10.50
CA ARG A 188 24.34 17.85 -9.22
C ARG A 188 22.85 17.46 -9.34
N ALA A 189 22.12 18.14 -10.23
CA ALA A 189 20.71 17.84 -10.47
C ALA A 189 20.51 16.48 -11.14
N MET A 190 21.41 16.15 -12.06
CA MET A 190 21.25 14.97 -12.92
C MET A 190 21.85 13.67 -12.33
N LYS A 191 22.52 13.78 -11.18
CA LYS A 191 23.35 12.70 -10.67
C LYS A 191 22.54 11.43 -10.41
N TRP A 192 21.39 11.55 -9.74
CA TRP A 192 20.59 10.37 -9.45
C TRP A 192 20.22 9.67 -10.76
N LEU A 193 19.69 10.42 -11.71
CA LEU A 193 19.28 9.87 -13.00
C LEU A 193 20.45 9.21 -13.74
N LYS A 194 21.59 9.88 -13.76
CA LYS A 194 22.78 9.37 -14.46
C LYS A 194 23.24 8.04 -13.84
N MET A 195 23.19 7.95 -12.52
CA MET A 195 23.62 6.73 -11.81
C MET A 195 22.67 5.56 -12.01
N HIS A 196 21.42 5.82 -12.39
CA HIS A 196 20.46 4.77 -12.63
C HIS A 196 20.12 4.50 -14.08
N ALA A 197 20.46 5.41 -14.95
CA ALA A 197 20.11 5.33 -16.34
C ALA A 197 20.85 4.30 -17.15
N GLN A 198 20.24 3.15 -17.29
CA GLN A 198 20.79 2.07 -18.08
C GLN A 198 19.74 1.07 -18.44
N TYR A 199 19.71 0.72 -19.71
CA TYR A 199 18.97 -0.41 -20.18
C TYR A 199 19.69 -1.75 -19.97
N ASP A 200 21.01 -1.69 -19.95
CA ASP A 200 21.91 -2.84 -19.85
C ASP A 200 22.52 -2.95 -18.43
N ASP A 201 21.73 -2.62 -17.41
CA ASP A 201 22.19 -2.72 -16.03
C ASP A 201 22.12 -4.18 -15.58
N ALA A 202 23.18 -4.63 -14.92
CA ALA A 202 23.24 -6.00 -14.45
C ALA A 202 22.35 -6.27 -13.24
N HIS A 203 22.08 -5.24 -12.44
CA HIS A 203 21.39 -5.36 -11.18
C HIS A 203 20.12 -6.23 -11.27
N PRO A 204 19.15 -5.88 -12.16
CA PRO A 204 17.94 -6.68 -12.22
C PRO A 204 18.17 -8.11 -12.72
N TRP A 205 19.15 -8.30 -13.60
CA TRP A 205 19.49 -9.63 -14.11
C TRP A 205 20.19 -10.46 -13.02
N GLU A 206 21.01 -9.81 -12.20
CA GLU A 206 21.62 -10.51 -11.05
C GLU A 206 20.53 -10.91 -10.06
N ALA A 207 19.56 -10.03 -9.84
CA ALA A 207 18.43 -10.37 -8.96
C ALA A 207 17.64 -11.56 -9.50
N LEU A 208 17.34 -11.53 -10.81
CA LEU A 208 16.64 -12.65 -11.44
C LEU A 208 17.39 -13.96 -11.26
N GLU A 209 18.69 -13.94 -11.52
CA GLU A 209 19.54 -15.13 -11.36
C GLU A 209 19.43 -15.72 -9.95
N ILE A 210 19.44 -14.85 -8.95
CA ILE A 210 19.23 -15.27 -7.58
C ILE A 210 17.86 -15.90 -7.38
N ILE A 211 16.84 -15.24 -7.90
CA ILE A 211 15.48 -15.77 -7.80
C ILE A 211 15.38 -17.17 -8.44
N VAL A 212 15.98 -17.33 -9.60
CA VAL A 212 15.90 -18.60 -10.33
C VAL A 212 16.66 -19.67 -9.54
N THR A 213 17.81 -19.30 -8.99
CA THR A 213 18.59 -20.26 -8.19
C THR A 213 17.83 -20.71 -6.94
N LEU A 214 17.21 -19.77 -6.25
CA LEU A 214 16.31 -20.08 -5.16
C LEU A 214 15.16 -21.02 -5.54
N ALA A 215 14.52 -20.75 -6.68
CA ALA A 215 13.34 -21.50 -7.09
C ALA A 215 13.68 -22.84 -7.74
N GLY A 216 14.81 -22.89 -8.44
CA GLY A 216 15.24 -24.12 -9.12
C GLY A 216 14.66 -24.27 -10.53
N LEU A 217 14.85 -25.44 -11.12
CA LEU A 217 14.35 -25.71 -12.46
C LEU A 217 12.85 -26.05 -12.52
N ASN A 218 12.27 -26.53 -11.42
CA ASN A 218 10.88 -26.97 -11.42
C ASN A 218 10.09 -26.47 -10.25
N PRO A 219 9.99 -25.14 -10.08
CA PRO A 219 9.20 -24.65 -8.98
C PRO A 219 7.75 -24.99 -9.20
N THR A 220 6.99 -25.08 -8.11
CA THR A 220 5.56 -25.30 -8.21
C THR A 220 4.90 -24.15 -8.97
N LYS A 221 3.77 -24.45 -9.57
CA LYS A 221 2.91 -23.44 -10.18
C LYS A 221 2.52 -22.36 -9.15
N ALA A 222 2.30 -22.78 -7.90
CA ALA A 222 1.94 -21.87 -6.83
C ALA A 222 3.03 -20.83 -6.54
N LEU A 223 4.29 -21.25 -6.52
CA LEU A 223 5.40 -20.33 -6.31
C LEU A 223 5.56 -19.41 -7.52
N GLN A 224 5.38 -19.95 -8.72
CA GLN A 224 5.47 -19.15 -9.92
C GLN A 224 4.42 -18.04 -9.91
N ALA A 225 3.21 -18.38 -9.46
CA ALA A 225 2.10 -17.45 -9.36
C ALA A 225 2.39 -16.36 -8.34
N GLU A 226 3.03 -16.74 -7.23
CA GLU A 226 3.37 -15.81 -6.18
C GLU A 226 4.37 -14.77 -6.70
N LEU A 227 5.37 -15.24 -7.44
CA LEU A 227 6.36 -14.37 -8.08
C LEU A 227 5.71 -13.43 -9.09
N ARG A 228 4.90 -13.99 -9.98
CA ARG A 228 4.23 -13.21 -11.01
C ARG A 228 3.39 -12.10 -10.37
N GLN A 229 2.61 -12.47 -9.37
CA GLN A 229 1.70 -11.51 -8.74
C GLN A 229 2.46 -10.43 -7.99
N ALA A 230 3.59 -10.80 -7.38
CA ALA A 230 4.41 -9.82 -6.64
C ALA A 230 5.06 -8.84 -7.59
N ILE A 231 5.59 -9.36 -8.71
CA ILE A 231 6.26 -8.53 -9.72
C ILE A 231 5.26 -7.57 -10.37
N CYS A 232 4.10 -8.10 -10.76
CA CYS A 232 3.07 -7.27 -11.39
C CYS A 232 2.48 -6.25 -10.40
N LYS A 233 2.41 -6.60 -9.12
CA LYS A 233 1.99 -5.66 -8.08
C LYS A 233 2.90 -4.42 -8.05
N SER A 234 4.21 -4.66 -8.04
CA SER A 234 5.18 -3.58 -8.07
C SER A 234 4.98 -2.70 -9.30
N TYR A 235 4.90 -3.29 -10.48
CA TYR A 235 4.67 -2.49 -11.71
C TYR A 235 3.34 -1.75 -11.61
N ASP A 236 2.31 -2.44 -11.14
CA ASP A 236 0.97 -1.86 -11.07
C ASP A 236 0.88 -0.69 -10.11
N TYR A 237 1.62 -0.76 -9.00
CA TYR A 237 1.67 0.40 -8.12
C TYR A 237 2.47 1.57 -8.71
N MET A 238 3.53 1.26 -9.47
CA MET A 238 4.20 2.29 -10.26
C MET A 238 3.24 2.92 -11.27
N TYR A 239 2.42 2.09 -11.89
CA TYR A 239 1.45 2.56 -12.88
C TYR A 239 0.38 3.44 -12.23
N LEU A 240 -0.11 3.01 -11.07
CA LEU A 240 -1.08 3.79 -10.31
C LEU A 240 -0.55 5.21 -9.99
N PHE A 241 0.70 5.27 -9.52
CA PHE A 241 1.45 6.50 -9.21
C PHE A 241 1.48 7.41 -10.46
N LEU A 242 1.91 6.85 -11.58
CA LEU A 242 2.08 7.59 -12.83
C LEU A 242 0.76 8.08 -13.42
N GLU A 243 -0.28 7.25 -13.29
CA GLU A 243 -1.61 7.63 -13.80
C GLU A 243 -2.17 8.81 -13.01
N ARG A 244 -2.00 8.78 -11.70
CA ARG A 244 -2.45 9.89 -10.86
C ARG A 244 -1.66 11.18 -11.18
N CYS A 245 -0.37 11.05 -11.38
CA CYS A 245 0.47 12.19 -11.77
C CYS A 245 -0.01 12.81 -13.08
N MET A 246 -0.35 11.98 -14.06
CA MET A 246 -0.79 12.46 -15.37
C MET A 246 -2.15 13.12 -15.35
N GLN A 247 -3.02 12.67 -14.45
CA GLN A 247 -4.28 13.33 -14.22
C GLN A 247 -4.06 14.76 -13.73
N GLN A 248 -3.08 14.94 -12.85
CA GLN A 248 -2.75 16.26 -12.32
C GLN A 248 -2.07 17.12 -13.36
N GLU A 249 -1.29 16.48 -14.23
CA GLU A 249 -0.63 17.17 -15.34
C GLU A 249 -1.63 17.76 -16.30
N LYS A 250 -2.65 16.98 -16.64
CA LYS A 250 -3.65 17.46 -17.59
C LYS A 250 -4.39 18.67 -17.04
N THR A 251 -4.73 18.60 -15.76
CA THR A 251 -5.39 19.71 -15.06
C THR A 251 -4.53 20.96 -15.00
N ALA A 252 -3.26 20.80 -14.64
CA ALA A 252 -2.34 21.93 -14.51
C ALA A 252 -2.10 22.63 -15.85
N VAL A 253 -1.87 21.83 -16.88
CA VAL A 253 -1.55 22.33 -18.22
C VAL A 253 -2.79 22.99 -18.81
N THR A 254 -3.92 22.34 -18.63
CA THR A 254 -5.20 22.85 -19.17
C THR A 254 -5.58 24.19 -18.54
N ARG A 255 -5.35 24.32 -17.23
CA ARG A 255 -5.61 25.59 -16.53
C ARG A 255 -4.82 26.75 -17.14
N GLU A 256 -3.56 26.52 -17.50
CA GLU A 256 -2.73 27.59 -18.01
C GLU A 256 -3.04 27.81 -19.47
N ARG A 257 -3.48 26.76 -20.16
CA ARG A 257 -3.87 26.92 -21.55
C ARG A 257 -5.07 27.83 -21.65
N LEU A 258 -6.05 27.63 -20.76
CA LEU A 258 -7.27 28.42 -20.77
C LEU A 258 -7.10 29.81 -20.13
N ALA A 259 -6.09 29.99 -19.27
CA ALA A 259 -5.87 31.24 -18.53
C ALA A 259 -5.08 32.25 -19.35
N ILE B 4 2.90 17.09 34.57
CA ILE B 4 2.38 15.69 34.44
C ILE B 4 1.80 15.40 33.03
N ASP B 5 1.05 16.36 32.48
CA ASP B 5 0.43 16.26 31.13
C ASP B 5 -0.56 15.11 30.96
N THR B 6 -1.00 14.52 32.08
CA THR B 6 -1.73 13.25 32.08
C THR B 6 -3.24 13.42 31.79
N PHE B 7 -3.76 12.64 30.85
CA PHE B 7 -5.17 12.72 30.48
C PHE B 7 -5.99 11.69 31.23
N SER B 8 -7.12 12.14 31.76
CA SER B 8 -8.09 11.27 32.38
C SER B 8 -9.48 11.77 31.98
N ARG B 9 -10.29 10.89 31.42
CA ARG B 9 -11.60 11.25 30.92
C ARG B 9 -12.59 11.47 32.07
N THR B 10 -13.31 12.58 32.03
CA THR B 10 -14.39 12.87 32.96
C THR B 10 -15.76 12.62 32.32
N GLY B 11 -15.92 13.08 31.08
CA GLY B 11 -17.19 12.98 30.36
C GLY B 11 -17.47 11.59 29.81
N PRO B 12 -18.65 11.41 29.19
CA PRO B 12 -19.00 10.13 28.58
C PRO B 12 -18.00 9.68 27.51
N LEU B 13 -17.82 8.37 27.39
CA LEU B 13 -16.83 7.78 26.49
C LEU B 13 -17.02 8.20 25.04
N MET B 14 -18.29 8.19 24.59
CA MET B 14 -18.61 8.32 23.19
C MET B 14 -18.92 9.75 22.72
N GLU B 15 -18.40 10.74 23.43
CA GLU B 15 -18.57 12.15 23.07
C GLU B 15 -17.25 12.88 22.88
N ALA B 16 -17.14 13.60 21.78
CA ALA B 16 -15.93 14.36 21.46
C ALA B 16 -15.54 15.37 22.53
N ALA B 17 -16.53 15.94 23.22
CA ALA B 17 -16.27 16.99 24.22
C ALA B 17 -15.57 16.45 25.46
N SER B 18 -15.58 15.14 25.63
CA SER B 18 -14.87 14.49 26.73
C SER B 18 -13.34 14.47 26.55
N TYR B 19 -12.86 14.89 25.39
CA TYR B 19 -11.43 14.81 25.06
C TYR B 19 -10.84 16.20 24.86
N PRO B 20 -9.51 16.31 24.91
CA PRO B 20 -8.91 17.64 24.78
C PRO B 20 -9.23 18.34 23.45
N ALA B 21 -8.97 19.64 23.43
CA ALA B 21 -9.25 20.47 22.25
C ALA B 21 -8.53 19.96 21.01
N TRP B 22 -7.27 19.55 21.17
CA TRP B 22 -6.49 19.02 20.05
C TRP B 22 -7.13 17.76 19.46
N THR B 23 -7.76 16.95 20.30
CA THR B 23 -8.43 15.74 19.85
C THR B 23 -9.68 16.12 19.08
N GLN B 24 -10.41 17.10 19.59
CA GLN B 24 -11.61 17.62 18.91
C GLN B 24 -11.28 18.24 17.57
N GLN B 25 -10.16 18.96 17.53
CA GLN B 25 -9.61 19.46 16.27
C GLN B 25 -9.25 18.34 15.30
N LEU B 26 -8.58 17.29 15.81
CA LEU B 26 -8.20 16.14 15.00
C LEU B 26 -9.43 15.52 14.34
N ILE B 27 -10.48 15.29 15.11
CA ILE B 27 -11.72 14.71 14.59
C ILE B 27 -12.27 15.58 13.47
N GLN B 28 -12.25 16.89 13.68
CA GLN B 28 -12.78 17.81 12.70
C GLN B 28 -11.93 17.76 11.44
N ASP B 29 -10.61 17.74 11.60
CA ASP B 29 -9.69 17.68 10.46
C ASP B 29 -9.86 16.41 9.61
N CYS B 30 -10.30 15.31 10.22
CA CYS B 30 -10.45 14.04 9.49
C CYS B 30 -11.86 13.77 8.99
N SER B 31 -12.78 14.70 9.26
CA SER B 31 -14.22 14.42 9.11
C SER B 31 -14.67 14.25 7.66
N GLU B 32 -14.10 15.02 6.74
CA GLU B 32 -14.45 14.88 5.33
C GLU B 32 -13.86 13.60 4.75
N SER B 33 -12.63 13.28 5.12
CA SER B 33 -12.01 11.99 4.70
C SER B 33 -12.90 10.82 5.13
N LYS B 34 -13.43 10.91 6.35
CA LYS B 34 -14.32 9.89 6.88
C LYS B 34 -15.64 9.86 6.15
N ARG B 35 -16.21 11.04 5.94
CA ARG B 35 -17.54 11.15 5.41
C ARG B 35 -17.65 10.47 4.04
N ARG B 36 -16.66 10.71 3.19
CA ARG B 36 -16.76 10.23 1.82
C ARG B 36 -16.66 8.72 1.71
N VAL B 37 -16.20 8.08 2.79
CA VAL B 37 -16.20 6.64 2.92
C VAL B 37 -17.54 6.14 3.48
N VAL B 38 -17.94 6.64 4.63
CA VAL B 38 -19.12 6.08 5.33
C VAL B 38 -20.45 6.40 4.64
N GLU B 39 -20.45 7.43 3.79
CA GLU B 39 -21.62 7.77 2.98
C GLU B 39 -21.46 7.38 1.50
N HIS B 40 -20.49 6.53 1.20
CA HIS B 40 -20.19 6.23 -0.19
C HIS B 40 -21.37 5.61 -0.92
N GLU B 41 -21.47 5.95 -2.19
CA GLU B 41 -22.54 5.47 -3.06
C GLU B 41 -22.56 3.95 -3.12
N LEU B 42 -21.38 3.32 -3.14
CA LEU B 42 -21.32 1.85 -3.14
C LEU B 42 -22.14 1.23 -2.00
N TYR B 43 -22.07 1.83 -0.81
CA TYR B 43 -22.81 1.28 0.34
C TYR B 43 -24.30 1.53 0.22
N GLN B 44 -24.69 2.67 -0.34
CA GLN B 44 -26.11 2.96 -0.54
C GLN B 44 -26.68 1.95 -1.53
N ARG B 45 -25.93 1.66 -2.58
CA ARG B 45 -26.36 0.64 -3.53
C ARG B 45 -26.38 -0.78 -2.94
N MET B 46 -25.39 -1.09 -2.11
CA MET B 46 -25.33 -2.41 -1.46
C MET B 46 -26.57 -2.58 -0.58
N ARG B 47 -26.88 -1.54 0.19
CA ARG B 47 -28.02 -1.51 1.10
C ARG B 47 -29.31 -1.88 0.39
N ASP B 48 -29.45 -1.39 -0.86
CA ASP B 48 -30.67 -1.53 -1.66
C ASP B 48 -30.64 -2.73 -2.57
N ASN B 49 -29.67 -3.61 -2.40
CA ASN B 49 -29.56 -4.79 -3.26
C ASN B 49 -29.48 -4.40 -4.74
N LYS B 50 -28.71 -3.34 -5.05
CA LYS B 50 -28.47 -2.91 -6.42
C LYS B 50 -27.11 -3.28 -7.02
N LEU B 51 -26.12 -3.63 -6.21
CA LEU B 51 -24.78 -3.86 -6.74
C LEU B 51 -24.79 -5.07 -7.63
N SER B 52 -24.07 -4.95 -8.73
CA SER B 52 -23.82 -6.07 -9.60
C SER B 52 -23.14 -7.19 -8.82
N ALA B 53 -23.37 -8.42 -9.27
CA ALA B 53 -22.68 -9.59 -8.72
C ALA B 53 -21.15 -9.46 -8.85
N LYS B 54 -20.69 -8.88 -9.96
CA LYS B 54 -19.25 -8.69 -10.19
C LYS B 54 -18.63 -7.83 -9.08
N VAL B 55 -19.26 -6.70 -8.80
CA VAL B 55 -18.70 -5.74 -7.84
C VAL B 55 -18.77 -6.24 -6.40
N MET B 56 -19.87 -6.91 -6.07
CA MET B 56 -20.05 -7.54 -4.77
C MET B 56 -18.95 -8.58 -4.51
N ARG B 57 -18.66 -9.39 -5.49
CA ARG B 57 -17.55 -10.28 -5.46
C ARG B 57 -16.23 -9.58 -5.22
N GLN B 58 -15.93 -8.56 -6.02
CA GLN B 58 -14.66 -7.83 -5.86
C GLN B 58 -14.52 -7.23 -4.47
N TYR B 59 -15.63 -6.70 -3.96
CA TYR B 59 -15.63 -6.11 -2.61
C TYR B 59 -15.22 -7.14 -1.55
N LEU B 60 -15.81 -8.33 -1.64
CA LEU B 60 -15.60 -9.38 -0.66
C LEU B 60 -14.18 -9.95 -0.70
N ILE B 61 -13.69 -10.12 -1.93
CA ILE B 61 -12.34 -10.60 -2.14
C ILE B 61 -11.34 -9.54 -1.70
N GLY B 62 -11.59 -8.29 -2.09
CA GLY B 62 -10.68 -7.21 -1.81
C GLY B 62 -10.59 -6.89 -0.34
N GLY B 63 -11.71 -7.00 0.37
CA GLY B 63 -11.75 -6.70 1.80
C GLY B 63 -11.11 -7.79 2.67
N TRP B 64 -11.04 -8.99 2.12
CA TRP B 64 -10.64 -10.18 2.88
C TRP B 64 -9.30 -10.06 3.64
N PRO B 65 -8.22 -9.62 2.97
CA PRO B 65 -6.93 -9.56 3.69
C PRO B 65 -6.94 -8.68 4.95
N VAL B 66 -7.62 -7.54 4.90
CA VAL B 66 -7.69 -6.68 6.04
C VAL B 66 -8.49 -7.33 7.17
N VAL B 67 -9.55 -8.03 6.81
CA VAL B 67 -10.39 -8.74 7.78
C VAL B 67 -9.59 -9.88 8.40
N GLU B 68 -8.97 -10.69 7.55
CA GLU B 68 -8.19 -11.87 7.98
C GLU B 68 -7.03 -11.48 8.91
N GLN B 69 -6.36 -10.38 8.57
CA GLN B 69 -5.20 -9.94 9.31
C GLN B 69 -5.44 -8.92 10.42
N PHE B 70 -6.70 -8.60 10.67
CA PHE B 70 -7.03 -7.53 11.62
C PHE B 70 -6.47 -7.81 13.01
N ALA B 71 -6.65 -9.03 13.50
CA ALA B 71 -6.10 -9.42 14.80
C ALA B 71 -4.55 -9.47 14.81
N LEU B 72 -3.96 -9.65 13.64
CA LEU B 72 -2.52 -9.62 13.47
C LEU B 72 -1.94 -8.21 13.54
N TYR B 73 -2.68 -7.20 13.06
CA TYR B 73 -2.25 -5.81 13.28
C TYR B 73 -2.21 -5.51 14.77
N MET B 74 -3.27 -5.95 15.47
CA MET B 74 -3.37 -5.77 16.90
C MET B 74 -2.23 -6.47 17.65
N ALA B 75 -1.93 -7.69 17.23
CA ALA B 75 -0.80 -8.45 17.77
C ALA B 75 0.54 -7.73 17.60
N GLN B 76 0.78 -7.17 16.42
CA GLN B 76 2.01 -6.45 16.15
C GLN B 76 2.10 -5.24 17.08
N ASN B 77 0.98 -4.56 17.28
CA ASN B 77 0.95 -3.44 18.20
C ASN B 77 1.18 -3.86 19.63
N LEU B 78 0.61 -4.98 20.05
CA LEU B 78 0.84 -5.49 21.41
C LEU B 78 2.34 -5.71 21.67
N THR B 79 3.03 -6.17 20.64
CA THR B 79 4.46 -6.47 20.67
C THR B 79 5.31 -5.22 20.94
N LYS B 80 4.77 -4.03 20.69
CA LYS B 80 5.49 -2.79 20.93
C LYS B 80 5.34 -2.26 22.36
N THR B 81 4.42 -2.83 23.14
CA THR B 81 4.10 -2.32 24.46
C THR B 81 4.98 -2.96 25.53
N ARG B 82 5.17 -2.23 26.61
CA ARG B 82 5.85 -2.75 27.80
C ARG B 82 5.07 -2.34 29.03
N PHE B 83 5.13 -3.19 30.05
CA PHE B 83 4.37 -3.02 31.28
C PHE B 83 4.84 -1.80 32.07
N ALA B 84 3.89 -0.96 32.48
CA ALA B 84 4.16 0.18 33.38
C ALA B 84 5.21 1.16 32.87
N ARG B 85 5.36 1.30 31.56
CA ARG B 85 6.27 2.29 31.00
C ARG B 85 5.52 3.60 30.86
N HIS B 86 4.21 3.54 30.60
CA HIS B 86 3.37 4.73 30.46
C HIS B 86 1.89 4.32 30.63
N PRO B 87 1.05 5.17 31.27
CA PRO B 87 -0.35 4.77 31.57
C PRO B 87 -1.18 4.41 30.34
N GLY B 88 -1.02 5.19 29.28
CA GLY B 88 -1.62 4.89 27.98
C GLY B 88 -1.17 3.54 27.41
N GLU B 89 0.08 3.18 27.68
CA GLU B 89 0.65 1.95 27.15
C GLU B 89 0.10 0.72 27.88
N ASP B 90 -0.15 0.85 29.18
CA ASP B 90 -0.86 -0.20 29.93
C ASP B 90 -2.29 -0.34 29.43
N MET B 91 -2.92 0.80 29.17
CA MET B 91 -4.29 0.81 28.68
C MET B 91 -4.35 0.11 27.33
N ALA B 92 -3.36 0.38 26.49
CA ALA B 92 -3.30 -0.24 25.14
C ALA B 92 -3.06 -1.75 25.23
N ARG B 93 -2.05 -2.15 26.00
CA ARG B 93 -1.76 -3.56 26.24
C ARG B 93 -3.02 -4.36 26.65
N ARG B 94 -3.73 -3.89 27.67
CA ARG B 94 -4.90 -4.62 28.15
C ARG B 94 -6.00 -4.67 27.11
N TRP B 95 -6.21 -3.54 26.42
CA TRP B 95 -7.25 -3.45 25.42
C TRP B 95 -6.97 -4.37 24.22
N LEU B 96 -5.72 -4.37 23.76
CA LEU B 96 -5.30 -5.26 22.66
C LEU B 96 -5.42 -6.74 23.04
N MET B 97 -5.03 -7.07 24.27
CA MET B 97 -5.16 -8.46 24.74
C MET B 97 -6.63 -8.87 24.78
N ARG B 98 -7.51 -7.97 25.20
CA ARG B 98 -8.94 -8.29 25.25
C ARG B 98 -9.55 -8.41 23.86
N ASN B 99 -9.20 -7.48 22.98
CA ASN B 99 -9.85 -7.37 21.68
C ASN B 99 -9.32 -8.31 20.60
N ILE B 100 -8.10 -8.84 20.74
CA ILE B 100 -7.65 -9.91 19.84
C ILE B 100 -8.64 -11.09 19.90
N ARG B 101 -9.05 -11.47 21.10
CA ARG B 101 -10.05 -12.53 21.33
C ARG B 101 -11.38 -12.23 20.64
N VAL B 102 -11.80 -10.97 20.66
CA VAL B 102 -13.11 -10.60 20.06
C VAL B 102 -13.19 -11.02 18.60
N GLU B 103 -12.08 -10.93 17.88
CA GLU B 103 -12.03 -11.23 16.46
C GLU B 103 -12.00 -12.73 16.16
N LEU B 104 -12.00 -13.57 17.19
CA LEU B 104 -11.80 -15.01 17.01
C LEU B 104 -12.50 -15.58 15.78
N ASN B 105 -13.80 -15.30 15.66
CA ASN B 105 -14.63 -15.89 14.60
C ASN B 105 -14.90 -14.98 13.40
N HIS B 106 -14.33 -13.78 13.40
CA HIS B 106 -14.74 -12.79 12.41
C HIS B 106 -14.28 -13.09 10.99
N ALA B 107 -13.08 -13.64 10.83
CA ALA B 107 -12.66 -14.09 9.51
C ALA B 107 -13.58 -15.21 8.98
N ASP B 108 -14.00 -16.12 9.86
CA ASP B 108 -14.93 -17.18 9.49
C ASP B 108 -16.24 -16.60 8.99
N TYR B 109 -16.75 -15.59 9.71
CA TYR B 109 -18.00 -14.96 9.30
C TYR B 109 -17.90 -14.31 7.93
N TRP B 110 -16.75 -13.70 7.63
CA TRP B 110 -16.54 -13.10 6.33
C TRP B 110 -16.57 -14.16 5.24
N VAL B 111 -15.95 -15.31 5.53
CA VAL B 111 -15.96 -16.45 4.60
C VAL B 111 -17.39 -16.86 4.29
N HIS B 112 -18.24 -16.89 5.32
CA HIS B 112 -19.65 -17.27 5.17
C HIS B 112 -20.44 -16.24 4.38
N TRP B 113 -20.22 -14.96 4.69
CA TRP B 113 -20.80 -13.86 3.91
C TRP B 113 -20.43 -14.02 2.45
N SER B 114 -19.14 -14.23 2.20
CA SER B 114 -18.64 -14.40 0.84
C SER B 114 -19.27 -15.58 0.09
N ARG B 115 -19.40 -16.72 0.77
CA ARG B 115 -19.97 -17.92 0.15
C ARG B 115 -21.44 -17.71 -0.24
N ALA B 116 -22.15 -16.91 0.53
CA ALA B 116 -23.53 -16.58 0.21
C ALA B 116 -23.68 -15.81 -1.12
N HIS B 117 -22.59 -15.21 -1.61
CA HIS B 117 -22.54 -14.52 -2.91
C HIS B 117 -21.77 -15.31 -3.96
N GLY B 118 -21.53 -16.59 -3.70
CA GLY B 118 -20.80 -17.45 -4.63
C GLY B 118 -19.30 -17.29 -4.64
N VAL B 119 -18.75 -16.56 -3.66
CA VAL B 119 -17.30 -16.38 -3.54
C VAL B 119 -16.78 -17.48 -2.61
N THR B 120 -15.95 -18.35 -3.17
CA THR B 120 -15.40 -19.50 -2.44
C THR B 120 -14.16 -19.09 -1.66
N LEU B 121 -13.75 -19.95 -0.74
CA LEU B 121 -12.53 -19.73 0.01
C LEU B 121 -11.37 -19.65 -0.97
N GLU B 122 -11.36 -20.54 -1.96
CA GLU B 122 -10.37 -20.46 -3.01
C GLU B 122 -10.34 -19.07 -3.68
N ASP B 123 -11.51 -18.49 -3.92
CA ASP B 123 -11.60 -17.16 -4.54
C ASP B 123 -10.97 -16.12 -3.63
N LEU B 124 -11.30 -16.19 -2.34
CA LEU B 124 -10.72 -15.25 -1.37
C LEU B 124 -9.19 -15.37 -1.38
N GLN B 125 -8.67 -16.59 -1.41
CA GLN B 125 -7.24 -16.80 -1.35
C GLN B 125 -6.50 -16.35 -2.61
N ALA B 126 -7.14 -16.48 -3.76
CA ALA B 126 -6.57 -16.09 -5.05
C ALA B 126 -6.33 -14.60 -5.21
N GLN B 127 -7.16 -13.79 -4.59
CA GLN B 127 -6.99 -12.34 -4.53
C GLN B 127 -6.90 -11.66 -5.88
N GLN B 128 -7.73 -12.09 -6.82
CA GLN B 128 -7.74 -11.51 -8.13
C GLN B 128 -8.62 -10.28 -8.17
N VAL B 129 -8.08 -9.18 -7.70
CA VAL B 129 -8.76 -7.92 -7.71
C VAL B 129 -7.79 -6.84 -8.11
N PRO B 130 -8.27 -5.66 -8.46
CA PRO B 130 -7.31 -4.62 -8.84
C PRO B 130 -6.38 -4.08 -7.73
N PRO B 131 -5.27 -3.43 -8.07
CA PRO B 131 -4.33 -2.92 -7.08
C PRO B 131 -4.93 -1.90 -6.12
N GLU B 132 -5.89 -1.13 -6.61
CA GLU B 132 -6.59 -0.15 -5.77
C GLU B 132 -7.26 -0.81 -4.56
N LEU B 133 -7.65 -2.07 -4.71
CA LEU B 133 -8.34 -2.79 -3.66
C LEU B 133 -7.38 -3.36 -2.63
N HIS B 134 -6.12 -3.61 -3.01
CA HIS B 134 -5.11 -4.16 -2.09
C HIS B 134 -4.41 -3.11 -1.24
N ALA B 135 -4.48 -1.84 -1.64
CA ALA B 135 -3.63 -0.80 -1.03
C ALA B 135 -3.86 -0.67 0.48
N LEU B 136 -5.13 -0.75 0.89
CA LEU B 136 -5.51 -0.67 2.28
C LEU B 136 -4.73 -1.70 3.10
N SER B 137 -4.68 -2.94 2.61
CA SER B 137 -3.99 -4.03 3.33
C SER B 137 -2.49 -3.76 3.50
N HIS B 138 -1.86 -3.18 2.48
CA HIS B 138 -0.44 -2.89 2.54
C HIS B 138 -0.16 -1.79 3.52
N TRP B 139 -1.01 -0.77 3.52
CA TRP B 139 -0.88 0.31 4.47
C TRP B 139 -1.01 -0.23 5.88
N CYS B 140 -2.04 -1.05 6.13
CA CYS B 140 -2.27 -1.59 7.47
C CYS B 140 -1.08 -2.37 8.00
N TRP B 141 -0.47 -3.18 7.15
CA TRP B 141 0.70 -3.95 7.58
C TRP B 141 1.89 -3.02 7.78
N HIS B 142 2.08 -2.05 6.87
CA HIS B 142 3.22 -1.13 6.99
C HIS B 142 3.17 -0.38 8.32
N THR B 143 2.03 0.24 8.63
CA THR B 143 1.91 1.00 9.86
C THR B 143 2.02 0.08 11.08
N SER B 144 1.39 -1.09 11.03
CA SER B 144 1.46 -2.06 12.13
C SER B 144 2.89 -2.53 12.37
N SER B 145 3.65 -2.68 11.29
CA SER B 145 5.03 -3.15 11.31
C SER B 145 6.03 -2.08 11.76
N ALA B 146 5.92 -0.87 11.19
CA ALA B 146 6.99 0.13 11.27
C ALA B 146 6.68 1.35 12.12
N ASP B 147 5.40 1.67 12.33
CA ASP B 147 5.05 2.89 13.04
C ASP B 147 4.99 2.65 14.54
N SER B 148 4.90 3.75 15.28
CA SER B 148 4.63 3.69 16.71
C SER B 148 3.25 3.08 16.97
N LEU B 149 3.10 2.55 18.18
CA LEU B 149 1.82 2.04 18.63
C LEU B 149 0.69 3.02 18.44
N ILE B 150 0.89 4.25 18.91
CA ILE B 150 -0.17 5.25 18.89
C ILE B 150 -0.68 5.52 17.46
N VAL B 151 0.25 5.63 16.50
CA VAL B 151 -0.09 5.89 15.10
C VAL B 151 -0.80 4.70 14.48
N ALA B 152 -0.26 3.50 14.71
CA ALA B 152 -0.81 2.32 14.11
C ALA B 152 -2.20 2.00 14.67
N ILE B 153 -2.40 2.24 15.96
CA ILE B 153 -3.72 2.03 16.58
C ILE B 153 -4.72 3.04 16.02
N ALA B 154 -4.28 4.28 15.84
CA ALA B 154 -5.10 5.29 15.20
C ALA B 154 -5.53 4.87 13.81
N ALA B 155 -4.60 4.31 13.05
CA ALA B 155 -4.86 3.93 11.67
C ALA B 155 -5.83 2.76 11.54
N THR B 156 -5.77 1.81 12.49
CA THR B 156 -6.54 0.57 12.36
C THR B 156 -7.75 0.46 13.26
N ASN B 157 -7.55 0.59 14.56
CA ASN B 157 -8.64 0.40 15.52
C ASN B 157 -9.55 1.63 15.61
N TYR B 158 -8.99 2.81 15.41
CA TYR B 158 -9.83 4.01 15.41
C TYR B 158 -10.45 4.23 14.03
N ALA B 159 -9.61 4.45 13.02
CA ALA B 159 -10.08 4.85 11.69
C ALA B 159 -10.86 3.75 10.98
N ILE B 160 -10.22 2.60 10.77
CA ILE B 160 -10.85 1.54 10.01
C ILE B 160 -12.06 0.92 10.75
N GLU B 161 -11.90 0.58 12.03
CA GLU B 161 -13.01 -0.08 12.74
C GLU B 161 -14.18 0.90 12.94
N GLY B 162 -13.87 2.17 13.22
CA GLY B 162 -14.91 3.21 13.31
C GLY B 162 -15.72 3.35 12.02
N ALA B 163 -15.03 3.56 10.90
CA ALA B 163 -15.70 3.66 9.60
C ALA B 163 -16.49 2.39 9.25
N THR B 164 -15.97 1.24 9.66
CA THR B 164 -16.60 -0.06 9.36
C THR B 164 -17.90 -0.27 10.12
N GLY B 165 -17.93 0.17 11.38
CA GLY B 165 -19.18 0.18 12.13
C GLY B 165 -20.27 0.96 11.39
N GLU B 166 -19.88 2.08 10.80
CA GLU B 166 -20.83 2.95 10.13
C GLU B 166 -21.27 2.40 8.77
N TRP B 167 -20.33 1.95 7.93
CA TRP B 167 -20.74 1.42 6.62
C TRP B 167 -21.55 0.14 6.75
N SER B 168 -21.22 -0.69 7.75
CA SER B 168 -21.96 -1.94 7.94
C SER B 168 -23.38 -1.66 8.45
N ALA B 169 -23.52 -0.67 9.34
CA ALA B 169 -24.84 -0.20 9.75
C ALA B 169 -25.64 0.34 8.54
N LEU B 170 -25.00 1.12 7.68
CA LEU B 170 -25.66 1.66 6.49
C LEU B 170 -26.18 0.52 5.57
N VAL B 171 -25.34 -0.46 5.32
CA VAL B 171 -25.72 -1.59 4.47
C VAL B 171 -26.94 -2.34 5.00
N CYS B 172 -27.04 -2.45 6.32
CA CYS B 172 -28.12 -3.17 6.99
C CYS B 172 -29.36 -2.35 7.27
N SER B 173 -29.29 -1.04 7.00
CA SER B 173 -30.21 -0.06 7.60
C SER B 173 -31.68 -0.19 7.19
N ASN B 174 -31.98 -0.74 6.02
CA ASN B 174 -33.37 -0.79 5.57
C ASN B 174 -33.95 -2.17 5.27
N GLY B 175 -33.17 -3.22 5.48
CA GLY B 175 -33.66 -4.59 5.37
C GLY B 175 -33.67 -5.19 3.98
N ILE B 176 -33.44 -4.37 2.95
CA ILE B 176 -33.53 -4.83 1.56
C ILE B 176 -32.42 -5.85 1.25
N TYR B 177 -31.18 -5.50 1.54
CA TYR B 177 -30.06 -6.41 1.30
C TYR B 177 -30.23 -7.78 1.99
N ALA B 178 -30.60 -7.77 3.26
CA ALA B 178 -30.79 -9.00 4.03
C ALA B 178 -31.92 -9.85 3.45
N ALA B 179 -33.02 -9.19 3.12
CA ALA B 179 -34.19 -9.90 2.59
C ALA B 179 -33.92 -10.58 1.25
N ALA B 180 -32.93 -10.09 0.51
CA ALA B 180 -32.57 -10.72 -0.77
C ALA B 180 -31.95 -12.12 -0.62
N PHE B 181 -31.42 -12.43 0.55
CA PHE B 181 -30.94 -13.80 0.83
C PHE B 181 -32.12 -14.73 1.07
N PRO B 182 -32.04 -15.96 0.52
CA PRO B 182 -33.03 -16.97 0.89
C PRO B 182 -33.07 -17.13 2.40
N GLU B 183 -34.28 -17.30 2.95
CA GLU B 183 -34.51 -17.43 4.39
C GLU B 183 -33.56 -18.41 5.10
N GLU B 184 -33.35 -19.58 4.51
CA GLU B 184 -32.52 -20.61 5.12
C GLU B 184 -31.02 -20.27 5.14
N ASP B 185 -30.61 -19.30 4.33
CA ASP B 185 -29.20 -18.88 4.21
C ASP B 185 -28.89 -17.56 4.92
N ARG B 186 -29.94 -16.87 5.39
CA ARG B 186 -29.82 -15.46 5.77
C ARG B 186 -29.00 -15.20 7.04
N LYS B 187 -29.24 -15.96 8.11
CA LYS B 187 -28.54 -15.73 9.39
C LYS B 187 -27.03 -15.88 9.24
N ARG B 188 -26.63 -16.97 8.61
CA ARG B 188 -25.21 -17.27 8.37
C ARG B 188 -24.55 -16.26 7.40
N ALA B 189 -25.30 -15.81 6.39
CA ALA B 189 -24.79 -14.82 5.44
C ALA B 189 -24.60 -13.45 6.09
N MET B 190 -25.53 -13.07 6.97
CA MET B 190 -25.58 -11.72 7.54
C MET B 190 -24.77 -11.57 8.84
N LYS B 191 -24.18 -12.65 9.33
CA LYS B 191 -23.51 -12.67 10.63
C LYS B 191 -22.38 -11.63 10.77
N TRP B 192 -21.47 -11.58 9.78
CA TRP B 192 -20.37 -10.61 9.86
C TRP B 192 -20.91 -9.18 9.97
N LEU B 193 -21.84 -8.84 9.07
CA LEU B 193 -22.44 -7.50 9.06
C LEU B 193 -23.12 -7.19 10.39
N LYS B 194 -23.90 -8.15 10.90
CA LYS B 194 -24.64 -7.95 12.14
C LYS B 194 -23.70 -7.72 13.32
N MET B 195 -22.58 -8.43 13.34
CA MET B 195 -21.59 -8.30 14.42
C MET B 195 -20.85 -6.97 14.39
N HIS B 196 -20.84 -6.30 13.25
CA HIS B 196 -20.14 -5.02 13.13
C HIS B 196 -21.04 -3.80 12.96
N ALA B 197 -22.31 -4.02 12.61
CA ALA B 197 -23.24 -2.93 12.37
C ALA B 197 -23.57 -2.15 13.67
N GLN B 198 -22.93 -1.01 13.84
CA GLN B 198 -23.23 -0.05 14.93
C GLN B 198 -22.61 1.31 14.59
N TYR B 199 -23.45 2.36 14.53
CA TYR B 199 -22.92 3.73 14.38
C TYR B 199 -22.28 4.20 15.68
N ASP B 200 -22.73 3.61 16.80
CA ASP B 200 -22.39 4.04 18.16
C ASP B 200 -21.68 2.92 18.97
N ASP B 201 -20.77 2.23 18.31
CA ASP B 201 -19.95 1.19 18.94
C ASP B 201 -18.88 1.85 19.81
N ALA B 202 -18.55 1.21 20.91
CA ALA B 202 -17.52 1.69 21.78
C ALA B 202 -16.12 1.54 21.24
N HIS B 203 -15.90 0.52 20.44
CA HIS B 203 -14.59 0.13 20.00
C HIS B 203 -13.74 1.32 19.53
N PRO B 204 -14.23 2.13 18.60
CA PRO B 204 -13.39 3.24 18.13
C PRO B 204 -13.17 4.32 19.17
N TRP B 205 -14.15 4.54 20.04
CA TRP B 205 -14.02 5.53 21.13
C TRP B 205 -13.04 5.05 22.20
N GLU B 206 -13.01 3.74 22.45
CA GLU B 206 -12.02 3.17 23.36
C GLU B 206 -10.63 3.31 22.76
N ALA B 207 -10.51 3.08 21.46
CA ALA B 207 -9.23 3.30 20.77
C ALA B 207 -8.78 4.76 20.88
N LEU B 208 -9.69 5.69 20.64
CA LEU B 208 -9.37 7.12 20.75
C LEU B 208 -8.89 7.49 22.14
N GLU B 209 -9.60 7.01 23.16
CA GLU B 209 -9.22 7.25 24.55
C GLU B 209 -7.77 6.80 24.82
N ILE B 210 -7.42 5.62 24.31
CA ILE B 210 -6.05 5.11 24.42
C ILE B 210 -5.06 6.05 23.72
N ILE B 211 -5.41 6.47 22.52
CA ILE B 211 -4.56 7.38 21.75
C ILE B 211 -4.33 8.70 22.50
N VAL B 212 -5.41 9.25 23.06
CA VAL B 212 -5.31 10.50 23.80
C VAL B 212 -4.45 10.31 25.05
N THR B 213 -4.65 9.20 25.75
CA THR B 213 -3.86 8.92 26.94
C THR B 213 -2.37 8.81 26.61
N LEU B 214 -2.05 8.11 25.53
CA LEU B 214 -0.68 8.02 25.04
C LEU B 214 -0.09 9.38 24.68
N ALA B 215 -0.89 10.21 24.01
CA ALA B 215 -0.40 11.51 23.53
C ALA B 215 -0.36 12.56 24.63
N GLY B 216 -1.30 12.47 25.56
CA GLY B 216 -1.38 13.45 26.65
C GLY B 216 -2.16 14.70 26.28
N LEU B 217 -2.11 15.70 27.17
CA LEU B 217 -2.85 16.94 26.98
C LEU B 217 -2.15 17.91 26.01
N ASN B 218 -0.83 17.79 25.87
CA ASN B 218 -0.07 18.73 25.06
C ASN B 218 0.90 18.07 24.08
N PRO B 219 0.38 17.23 23.19
CA PRO B 219 1.28 16.64 22.23
C PRO B 219 1.82 17.69 21.27
N THR B 220 3.00 17.45 20.72
CA THR B 220 3.57 18.34 19.72
C THR B 220 2.68 18.40 18.50
N LYS B 221 2.79 19.50 17.78
CA LYS B 221 2.13 19.65 16.47
C LYS B 221 2.56 18.53 15.51
N ALA B 222 3.82 18.13 15.59
CA ALA B 222 4.34 17.05 14.75
C ALA B 222 3.64 15.72 15.00
N LEU B 223 3.39 15.38 16.27
CA LEU B 223 2.67 14.15 16.60
C LEU B 223 1.21 14.24 16.18
N GLN B 224 0.61 15.42 16.37
CA GLN B 224 -0.78 15.63 15.94
C GLN B 224 -0.92 15.42 14.44
N ALA B 225 0.06 15.95 13.69
CA ALA B 225 0.09 15.81 12.24
C ALA B 225 0.27 14.35 11.81
N GLU B 226 1.08 13.61 12.56
CA GLU B 226 1.33 12.20 12.27
C GLU B 226 0.03 11.41 12.43
N LEU B 227 -0.69 11.69 13.50
CA LEU B 227 -2.00 11.05 13.75
C LEU B 227 -3.02 11.39 12.67
N ARG B 228 -3.14 12.69 12.36
CA ARG B 228 -4.09 13.12 11.36
C ARG B 228 -3.79 12.44 10.01
N GLN B 229 -2.52 12.44 9.60
CA GLN B 229 -2.14 11.86 8.33
C GLN B 229 -2.36 10.36 8.27
N ALA B 230 -2.13 9.68 9.38
CA ALA B 230 -2.32 8.23 9.44
C ALA B 230 -3.78 7.88 9.36
N ILE B 231 -4.61 8.64 10.09
CA ILE B 231 -6.07 8.42 10.11
C ILE B 231 -6.68 8.67 8.73
N CYS B 232 -6.28 9.78 8.12
CA CYS B 232 -6.77 10.14 6.80
C CYS B 232 -6.28 9.17 5.73
N LYS B 233 -5.05 8.66 5.88
CA LYS B 233 -4.53 7.64 4.99
C LYS B 233 -5.45 6.40 4.95
N SER B 234 -5.83 5.91 6.13
CA SER B 234 -6.74 4.80 6.24
C SER B 234 -8.06 5.07 5.51
N TYR B 235 -8.70 6.19 5.81
CA TYR B 235 -9.95 6.56 5.13
C TYR B 235 -9.73 6.67 3.62
N ASP B 236 -8.64 7.34 3.22
CA ASP B 236 -8.34 7.54 1.81
C ASP B 236 -8.10 6.24 1.06
N TYR B 237 -7.47 5.26 1.70
CA TYR B 237 -7.33 3.95 1.03
C TYR B 237 -8.63 3.18 0.95
N MET B 238 -9.51 3.35 1.93
CA MET B 238 -10.89 2.86 1.83
C MET B 238 -11.64 3.55 0.70
N TYR B 239 -11.43 4.85 0.55
CA TYR B 239 -12.04 5.61 -0.55
C TYR B 239 -11.54 5.15 -1.93
N LEU B 240 -10.23 4.97 -2.04
CA LEU B 240 -9.63 4.44 -3.27
C LEU B 240 -10.26 3.10 -3.70
N PHE B 241 -10.39 2.20 -2.73
CA PHE B 241 -11.03 0.89 -2.89
C PHE B 241 -12.45 1.05 -3.46
N LEU B 242 -13.23 1.88 -2.79
CA LEU B 242 -14.65 2.06 -3.14
C LEU B 242 -14.82 2.71 -4.52
N GLU B 243 -13.94 3.67 -4.82
CA GLU B 243 -13.99 4.37 -6.11
C GLU B 243 -13.71 3.40 -7.25
N ARG B 244 -12.74 2.52 -7.05
CA ARG B 244 -12.42 1.54 -8.06
C ARG B 244 -13.55 0.54 -8.25
N CYS B 245 -14.18 0.14 -7.16
CA CYS B 245 -15.37 -0.73 -7.22
C CYS B 245 -16.51 -0.09 -8.03
N MET B 246 -16.74 1.20 -7.80
CA MET B 246 -17.84 1.92 -8.48
C MET B 246 -17.59 2.13 -9.96
N GLN B 247 -16.32 2.26 -10.33
CA GLN B 247 -15.93 2.33 -11.72
C GLN B 247 -16.32 1.02 -12.44
N GLN B 248 -16.14 -0.12 -11.76
CA GLN B 248 -16.53 -1.42 -12.34
C GLN B 248 -18.04 -1.58 -12.37
N GLU B 249 -18.73 -0.99 -11.38
CA GLU B 249 -20.20 -1.00 -11.33
C GLU B 249 -20.79 -0.27 -12.53
N LYS B 250 -20.22 0.88 -12.87
CA LYS B 250 -20.68 1.67 -14.02
C LYS B 250 -20.43 0.99 -15.36
N THR B 251 -19.30 0.31 -15.48
CA THR B 251 -18.99 -0.54 -16.64
C THR B 251 -20.00 -1.69 -16.78
N ALA B 252 -20.30 -2.37 -15.66
CA ALA B 252 -21.27 -3.47 -15.68
C ALA B 252 -22.67 -2.96 -16.07
N VAL B 253 -23.04 -1.80 -15.52
CA VAL B 253 -24.28 -1.09 -15.92
C VAL B 253 -24.27 -0.69 -17.41
N THR B 254 -23.14 -0.22 -17.91
CA THR B 254 -23.03 0.19 -19.33
C THR B 254 -23.34 -0.95 -20.32
N ARG B 255 -22.83 -2.16 -20.04
CA ARG B 255 -23.18 -3.34 -20.84
C ARG B 255 -24.02 -4.39 -20.07
N GLU B 256 -25.05 -3.92 -19.37
CA GLU B 256 -26.18 -4.76 -18.96
C GLU B 256 -27.36 -4.56 -19.93
N ARG B 257 -27.61 -3.32 -20.32
CA ARG B 257 -28.72 -2.97 -21.22
C ARG B 257 -28.36 -2.86 -22.74
N LEU B 258 -27.08 -2.66 -23.09
CA LEU B 258 -26.59 -2.82 -24.49
C LEU B 258 -25.96 -4.18 -24.79
N ALA B 259 -26.05 -5.13 -23.86
CA ALA B 259 -25.49 -6.46 -24.07
C ALA B 259 -26.38 -7.24 -25.06
#